data_7UJ8
#
_entry.id   7UJ8
#
_cell.length_a   104.201
_cell.length_b   55.067
_cell.length_c   97.479
_cell.angle_alpha   90.000
_cell.angle_beta   113.480
_cell.angle_gamma   90.000
#
_symmetry.space_group_name_H-M   'C 1 2 1'
#
loop_
_entity.id
_entity.type
_entity.pdbx_description
1 polymer 'Estrogen receptor'
2 non-polymer 4-HYDROXYTAMOXIFEN
3 water water
#
_entity_poly.entity_id   1
_entity_poly.type   'polypeptide(L)'
_entity_poly.pdbx_seq_one_letter_code
;HHHHHHENLYFQSMALSLTADQMVSALLDAEPPILYSEYDPTRPFSEASMMGLLTNLADRELVHMINWAKRVPGFVDLTL
HDQVHLLESAWLEILMIGLVWRSMEHPGKLLFAPNLLLDRNQGKSVEGMVEIFDMLLATSSRFRMMNLQGEEFVCLKSII
LLNSGVYTFLSSTLKSLEEKDHIHRVLDKITDTLIHLMAKAGLTLQQQHQRLAQLLLILSHIRHMSNKGMEHLYSMKSKN
VVPLSDLLLEMLDAHRLHAPTS
;
_entity_poly.pdbx_strand_id   B,A
#
loop_
_chem_comp.id
_chem_comp.type
_chem_comp.name
_chem_comp.formula
OHT non-polymer 4-HYDROXYTAMOXIFEN 'C26 H29 N O2'
#
# COMPACT_ATOMS: atom_id res chain seq x y z
N SER A 17 3.76 -11.34 -24.03
CA SER A 17 3.59 -11.91 -25.36
C SER A 17 2.12 -12.17 -25.66
N LEU A 18 1.34 -12.26 -24.60
CA LEU A 18 -0.01 -12.78 -24.66
C LEU A 18 -1.06 -11.64 -24.76
N THR A 19 -2.32 -11.99 -25.01
CA THR A 19 -3.42 -11.02 -25.19
C THR A 19 -4.22 -10.81 -23.89
N ALA A 20 -4.76 -9.61 -23.71
CA ALA A 20 -5.46 -9.23 -22.48
C ALA A 20 -6.47 -10.27 -21.95
N ASP A 21 -7.03 -11.07 -22.83
CA ASP A 21 -8.04 -12.04 -22.43
C ASP A 21 -7.45 -13.42 -22.08
N GLN A 22 -6.41 -13.84 -22.79
CA GLN A 22 -5.76 -15.11 -22.46
C GLN A 22 -4.92 -14.97 -21.18
N MET A 23 -4.73 -13.74 -20.72
CA MET A 23 -4.00 -13.47 -19.47
C MET A 23 -4.92 -13.78 -18.33
N VAL A 24 -6.18 -13.42 -18.53
CA VAL A 24 -7.23 -13.74 -17.59
C VAL A 24 -7.40 -15.25 -17.49
N SER A 25 -7.53 -15.90 -18.64
CA SER A 25 -7.74 -17.34 -18.69
C SER A 25 -6.58 -18.11 -18.07
N ALA A 26 -5.36 -17.67 -18.35
CA ALA A 26 -4.16 -18.32 -17.83
C ALA A 26 -4.09 -18.22 -16.30
N LEU A 27 -4.40 -17.04 -15.78
CA LEU A 27 -4.39 -16.81 -14.34
C LEU A 27 -5.51 -17.57 -13.64
N LEU A 28 -6.70 -17.55 -14.24
CA LEU A 28 -7.85 -18.27 -13.69
C LEU A 28 -7.58 -19.77 -13.61
N ASP A 29 -6.89 -20.30 -14.61
CA ASP A 29 -6.55 -21.72 -14.65
C ASP A 29 -5.48 -22.06 -13.62
N ALA A 30 -4.68 -21.07 -13.26
CA ALA A 30 -3.57 -21.28 -12.32
C ALA A 30 -4.03 -21.10 -10.88
N GLU A 31 -5.30 -20.79 -10.68
CA GLU A 31 -5.85 -20.56 -9.35
C GLU A 31 -5.71 -21.78 -8.45
N PRO A 32 -5.22 -21.56 -7.22
CA PRO A 32 -5.06 -22.63 -6.23
C PRO A 32 -6.41 -23.11 -5.71
N PRO A 33 -6.46 -24.35 -5.20
CA PRO A 33 -7.72 -24.87 -4.65
C PRO A 33 -8.00 -24.34 -3.25
N ILE A 34 -9.25 -24.41 -2.83
CA ILE A 34 -9.61 -24.03 -1.46
C ILE A 34 -9.38 -25.21 -0.54
N LEU A 35 -8.41 -25.07 0.37
CA LEU A 35 -8.06 -26.14 1.28
C LEU A 35 -8.95 -26.16 2.52
N TYR A 36 -9.06 -27.33 3.13
CA TYR A 36 -9.86 -27.49 4.34
C TYR A 36 -9.00 -27.38 5.59
N SER A 37 -9.59 -26.81 6.65
CA SER A 37 -8.92 -26.74 7.94
C SER A 37 -8.75 -28.13 8.53
N GLU A 38 -7.85 -28.25 9.50
CA GLU A 38 -7.62 -29.62 9.95
C GLU A 38 -8.82 -30.19 10.70
N PRO A 44 -14.11 -25.07 22.50
CA PRO A 44 -13.70 -23.78 21.96
C PRO A 44 -12.18 -23.64 21.88
N PHE A 45 -11.71 -22.57 21.26
CA PHE A 45 -10.29 -22.41 21.00
C PHE A 45 -9.56 -21.76 22.15
N SER A 46 -8.27 -22.06 22.28
CA SER A 46 -7.36 -21.27 23.09
C SER A 46 -6.61 -20.34 22.14
N GLU A 47 -5.48 -19.81 22.59
CA GLU A 47 -4.65 -18.99 21.72
C GLU A 47 -3.71 -19.89 20.92
N ALA A 48 -3.24 -20.92 21.57
CA ALA A 48 -2.32 -21.82 20.95
C ALA A 48 -2.97 -22.80 20.02
N SER A 49 -4.24 -23.13 20.25
CA SER A 49 -4.91 -24.07 19.38
C SER A 49 -5.45 -23.42 18.11
N MET A 50 -5.75 -22.14 18.18
CA MET A 50 -6.28 -21.43 17.05
C MET A 50 -5.16 -21.11 16.07
N MET A 51 -4.01 -20.76 16.61
CA MET A 51 -2.86 -20.44 15.81
C MET A 51 -2.23 -21.68 15.30
N GLY A 52 -2.58 -22.81 15.89
CA GLY A 52 -2.16 -24.10 15.39
C GLY A 52 -2.95 -24.46 14.14
N LEU A 53 -4.24 -24.15 14.16
CA LEU A 53 -5.11 -24.36 13.01
C LEU A 53 -4.65 -23.57 11.80
N LEU A 54 -4.47 -22.26 12.00
CA LEU A 54 -4.15 -21.35 10.92
C LEU A 54 -2.77 -21.59 10.34
N THR A 55 -1.81 -21.90 11.21
CA THR A 55 -0.44 -22.17 10.78
C THR A 55 -0.39 -23.39 9.86
N ASN A 56 -1.11 -24.42 10.26
CA ASN A 56 -1.25 -25.62 9.49
C ASN A 56 -1.91 -25.39 8.15
N LEU A 57 -3.06 -24.74 8.15
CA LEU A 57 -3.71 -24.39 6.93
C LEU A 57 -2.80 -23.53 6.08
N ALA A 58 -2.19 -22.55 6.69
CA ALA A 58 -1.27 -21.68 5.97
C ALA A 58 -0.12 -22.42 5.30
N ASP A 59 0.54 -23.32 6.02
CA ASP A 59 1.67 -24.05 5.49
C ASP A 59 1.28 -25.02 4.40
N ARG A 60 0.07 -25.54 4.47
CA ARG A 60 -0.46 -26.35 3.41
C ARG A 60 -0.82 -25.46 2.22
N GLU A 61 -1.40 -24.33 2.50
CA GLU A 61 -1.71 -23.39 1.47
C GLU A 61 -0.51 -22.86 0.73
N LEU A 62 0.64 -22.81 1.36
CA LEU A 62 1.82 -22.28 0.75
C LEU A 62 2.37 -23.12 -0.37
N VAL A 63 2.28 -24.42 -0.22
CA VAL A 63 2.66 -25.33 -1.27
C VAL A 63 1.96 -25.01 -2.57
N HIS A 64 0.67 -24.80 -2.49
CA HIS A 64 -0.10 -24.50 -3.68
C HIS A 64 0.14 -23.11 -4.23
N MET A 65 0.54 -22.20 -3.37
CA MET A 65 0.85 -20.83 -3.77
C MET A 65 2.08 -20.81 -4.69
N ILE A 66 3.06 -21.66 -4.37
CA ILE A 66 4.29 -21.72 -5.14
C ILE A 66 4.03 -22.22 -6.55
N ASN A 67 3.21 -23.26 -6.68
CA ASN A 67 2.82 -23.77 -7.99
C ASN A 67 2.01 -22.75 -8.77
N TRP A 68 1.22 -21.96 -8.06
CA TRP A 68 0.47 -20.88 -8.68
C TRP A 68 1.41 -19.79 -9.21
N ALA A 69 2.38 -19.42 -8.38
CA ALA A 69 3.34 -18.37 -8.72
C ALA A 69 4.11 -18.72 -9.99
N LYS A 70 4.50 -19.99 -10.10
CA LYS A 70 5.27 -20.47 -11.25
C LYS A 70 4.47 -20.40 -12.54
N ARG A 71 3.16 -20.26 -12.42
CA ARG A 71 2.28 -20.20 -13.59
C ARG A 71 1.81 -18.78 -13.87
N VAL A 72 2.21 -17.84 -13.01
CA VAL A 72 1.96 -16.43 -13.26
C VAL A 72 2.95 -15.94 -14.32
N PRO A 73 2.42 -15.40 -15.43
CA PRO A 73 3.22 -14.95 -16.58
C PRO A 73 4.39 -14.05 -16.21
N GLY A 74 5.61 -14.48 -16.53
CA GLY A 74 6.80 -13.68 -16.30
C GLY A 74 7.54 -14.02 -15.02
N PHE A 75 7.00 -14.96 -14.24
CA PHE A 75 7.60 -15.32 -12.97
C PHE A 75 8.78 -16.28 -13.13
N VAL A 76 8.57 -17.34 -13.90
CA VAL A 76 9.62 -18.35 -14.11
C VAL A 76 10.77 -17.81 -14.96
N ASP A 77 10.56 -16.66 -15.59
CA ASP A 77 11.59 -16.03 -16.40
C ASP A 77 12.61 -15.31 -15.51
N LEU A 78 12.23 -15.10 -14.26
CA LEU A 78 13.11 -14.46 -13.29
C LEU A 78 14.09 -15.49 -12.71
N THR A 79 15.20 -15.00 -12.15
CA THR A 79 16.16 -15.88 -11.50
C THR A 79 15.56 -16.49 -10.23
N LEU A 80 16.10 -17.62 -9.81
CA LEU A 80 15.62 -18.30 -8.61
C LEU A 80 15.71 -17.39 -7.38
N HIS A 81 16.76 -16.58 -7.34
CA HIS A 81 16.98 -15.65 -6.24
C HIS A 81 15.87 -14.62 -6.15
N ASP A 82 15.38 -14.18 -7.30
CA ASP A 82 14.31 -13.19 -7.34
C ASP A 82 12.95 -13.82 -7.08
N GLN A 83 12.78 -15.06 -7.56
CA GLN A 83 11.53 -15.78 -7.36
C GLN A 83 11.29 -16.06 -5.87
N VAL A 84 12.33 -16.51 -5.18
CA VAL A 84 12.26 -16.77 -3.75
C VAL A 84 11.97 -15.49 -2.98
N HIS A 85 12.68 -14.42 -3.35
CA HIS A 85 12.54 -13.13 -2.67
C HIS A 85 11.14 -12.54 -2.80
N LEU A 86 10.53 -12.71 -3.97
CA LEU A 86 9.17 -12.20 -4.20
C LEU A 86 8.16 -12.92 -3.31
N LEU A 87 8.23 -14.25 -3.32
CA LEU A 87 7.33 -15.07 -2.50
C LEU A 87 7.58 -14.85 -1.01
N GLU A 88 8.82 -14.57 -0.65
CA GLU A 88 9.20 -14.43 0.74
C GLU A 88 8.59 -13.19 1.39
N SER A 89 8.39 -12.14 0.60
CA SER A 89 7.88 -10.88 1.13
C SER A 89 6.39 -10.69 0.87
N ALA A 90 5.82 -11.52 0.00
CA ALA A 90 4.44 -11.31 -0.43
C ALA A 90 3.47 -12.42 0.00
N TRP A 91 4.00 -13.49 0.60
CA TRP A 91 3.18 -14.68 0.85
C TRP A 91 2.00 -14.43 1.78
N LEU A 92 2.18 -13.60 2.80
CA LEU A 92 1.09 -13.32 3.73
C LEU A 92 0.04 -12.42 3.08
N GLU A 93 0.50 -11.48 2.26
CA GLU A 93 -0.39 -10.61 1.50
C GLU A 93 -1.32 -11.42 0.61
N ILE A 94 -0.77 -12.46 -0.01
CA ILE A 94 -1.51 -13.29 -0.94
C ILE A 94 -2.51 -14.19 -0.22
N LEU A 95 -2.11 -14.73 0.92
CA LEU A 95 -3.01 -15.52 1.75
C LEU A 95 -4.18 -14.67 2.24
N MET A 96 -3.87 -13.43 2.63
CA MET A 96 -4.89 -12.53 3.17
C MET A 96 -5.92 -12.11 2.12
N ILE A 97 -5.45 -11.73 0.92
CA ILE A 97 -6.36 -11.33 -0.14
C ILE A 97 -7.15 -12.55 -0.63
N GLY A 98 -6.59 -13.73 -0.43
CA GLY A 98 -7.30 -14.96 -0.73
C GLY A 98 -8.39 -15.19 0.30
N LEU A 99 -8.05 -14.93 1.56
CA LEU A 99 -8.99 -15.04 2.67
C LEU A 99 -10.14 -14.05 2.51
N VAL A 100 -9.80 -12.82 2.12
CA VAL A 100 -10.79 -11.78 1.93
C VAL A 100 -11.75 -12.12 0.79
N TRP A 101 -11.19 -12.67 -0.29
CA TRP A 101 -11.99 -13.08 -1.44
C TRP A 101 -13.00 -14.17 -1.08
N ARG A 102 -12.60 -15.07 -0.19
CA ARG A 102 -13.47 -16.16 0.24
C ARG A 102 -14.60 -15.68 1.15
N SER A 103 -14.31 -14.64 1.92
CA SER A 103 -15.24 -14.17 2.96
C SER A 103 -16.16 -13.07 2.46
N MET A 104 -16.11 -12.78 1.17
CA MET A 104 -16.87 -11.69 0.58
C MET A 104 -18.38 -11.84 0.80
N GLU A 105 -18.88 -13.04 0.53
CA GLU A 105 -20.31 -13.31 0.67
C GLU A 105 -20.64 -13.84 2.06
N HIS A 106 -19.85 -13.41 3.05
CA HIS A 106 -20.07 -13.77 4.44
C HIS A 106 -19.79 -12.56 5.33
N PRO A 107 -20.74 -11.61 5.38
CA PRO A 107 -20.56 -10.35 6.12
C PRO A 107 -20.34 -10.56 7.61
N GLY A 108 -19.30 -9.93 8.15
CA GLY A 108 -19.00 -10.02 9.57
C GLY A 108 -18.30 -11.32 9.95
N LYS A 109 -17.86 -12.07 8.94
CA LYS A 109 -17.18 -13.34 9.18
C LYS A 109 -16.02 -13.56 8.21
N LEU A 110 -15.09 -14.42 8.60
CA LEU A 110 -13.95 -14.75 7.75
C LEU A 110 -13.93 -16.23 7.40
N LEU A 111 -13.83 -16.53 6.11
CA LEU A 111 -13.84 -17.90 5.63
C LEU A 111 -12.41 -18.42 5.40
N PHE A 112 -11.75 -18.81 6.48
CA PHE A 112 -10.43 -19.41 6.39
C PHE A 112 -10.52 -20.73 5.63
N ALA A 113 -11.60 -21.45 5.87
CA ALA A 113 -11.85 -22.74 5.24
C ALA A 113 -13.33 -23.03 5.31
N PRO A 114 -13.84 -23.87 4.39
CA PRO A 114 -15.27 -24.23 4.42
C PRO A 114 -15.70 -24.83 5.77
N ASN A 115 -14.76 -25.41 6.49
CA ASN A 115 -15.06 -25.98 7.81
C ASN A 115 -14.55 -25.09 8.94
N LEU A 116 -14.15 -23.87 8.61
CA LEU A 116 -13.65 -22.93 9.60
C LEU A 116 -14.09 -21.50 9.30
N LEU A 117 -15.35 -21.20 9.59
CA LEU A 117 -15.91 -19.87 9.39
C LEU A 117 -16.06 -19.16 10.73
N LEU A 118 -15.25 -18.14 10.96
CA LEU A 118 -15.21 -17.46 12.25
C LEU A 118 -15.80 -16.06 12.19
N ASP A 119 -16.60 -15.71 13.20
CA ASP A 119 -17.10 -14.34 13.33
C ASP A 119 -16.09 -13.50 14.08
N ARG A 120 -16.41 -12.23 14.32
CA ARG A 120 -15.51 -11.32 14.99
C ARG A 120 -15.30 -11.71 16.46
N ASN A 121 -16.30 -12.36 17.04
CA ASN A 121 -16.27 -12.72 18.46
C ASN A 121 -15.12 -13.65 18.82
N GLN A 122 -14.93 -14.71 18.04
CA GLN A 122 -13.92 -15.74 18.26
C GLN A 122 -12.51 -15.25 17.97
N GLY A 123 -12.42 -14.13 17.24
CA GLY A 123 -11.14 -13.59 16.85
C GLY A 123 -10.34 -13.07 18.02
N LYS A 124 -10.98 -13.00 19.19
CA LYS A 124 -10.32 -12.52 20.41
C LYS A 124 -9.64 -13.67 21.15
N SER A 125 -9.69 -14.87 20.57
CA SER A 125 -8.97 -16.01 21.13
C SER A 125 -7.48 -15.73 21.14
N VAL A 126 -7.04 -14.98 20.13
CA VAL A 126 -5.65 -14.55 20.02
C VAL A 126 -5.55 -13.05 20.26
N GLU A 127 -4.65 -12.65 21.16
CA GLU A 127 -4.43 -11.23 21.46
C GLU A 127 -3.70 -10.54 20.32
N GLY A 128 -4.04 -9.29 20.06
CA GLY A 128 -3.46 -8.55 18.96
C GLY A 128 -4.02 -8.98 17.61
N MET A 129 -4.89 -9.98 17.62
CA MET A 129 -5.49 -10.47 16.39
C MET A 129 -6.86 -9.82 16.16
N VAL A 130 -7.37 -9.12 17.17
CA VAL A 130 -8.66 -8.44 17.05
C VAL A 130 -8.55 -7.26 16.08
N GLU A 131 -7.39 -6.63 16.04
CA GLU A 131 -7.16 -5.48 15.17
C GLU A 131 -7.05 -5.93 13.72
N ILE A 132 -6.19 -6.91 13.47
CA ILE A 132 -5.98 -7.45 12.13
C ILE A 132 -7.26 -8.07 11.59
N PHE A 133 -7.99 -8.74 12.47
CA PHE A 133 -9.27 -9.37 12.12
C PHE A 133 -10.24 -8.37 11.53
N ASP A 134 -10.40 -7.23 12.21
CA ASP A 134 -11.33 -6.19 11.77
C ASP A 134 -10.88 -5.56 10.46
N MET A 135 -9.57 -5.48 10.25
CA MET A 135 -9.03 -4.91 9.03
C MET A 135 -9.33 -5.82 7.83
N LEU A 136 -9.40 -7.13 8.09
CA LEU A 136 -9.73 -8.09 7.05
C LEU A 136 -11.21 -8.03 6.70
N LEU A 137 -12.04 -7.83 7.72
CA LEU A 137 -13.48 -7.71 7.52
C LEU A 137 -13.83 -6.43 6.78
N ALA A 138 -13.06 -5.38 7.03
CA ALA A 138 -13.27 -4.10 6.36
C ALA A 138 -12.91 -4.21 4.88
N THR A 139 -11.87 -4.98 4.58
CA THR A 139 -11.46 -5.23 3.20
C THR A 139 -12.52 -6.03 2.46
N SER A 140 -13.09 -7.01 3.16
CA SER A 140 -14.10 -7.88 2.57
C SER A 140 -15.35 -7.10 2.19
N SER A 141 -15.74 -6.16 3.05
CA SER A 141 -16.90 -5.32 2.77
C SER A 141 -16.61 -4.38 1.60
N ARG A 142 -15.39 -3.87 1.54
CA ARG A 142 -14.98 -2.98 0.47
C ARG A 142 -15.02 -3.68 -0.89
N PHE A 143 -14.62 -4.95 -0.92
CA PHE A 143 -14.70 -5.75 -2.14
C PHE A 143 -16.14 -5.97 -2.55
N ARG A 144 -17.02 -6.10 -1.56
CA ARG A 144 -18.44 -6.32 -1.81
C ARG A 144 -19.09 -5.02 -2.28
N MET A 145 -18.64 -3.91 -1.70
CA MET A 145 -19.11 -2.58 -2.09
C MET A 145 -18.79 -2.30 -3.55
N MET A 146 -17.58 -2.68 -3.95
CA MET A 146 -17.12 -2.48 -5.32
C MET A 146 -17.61 -3.59 -6.25
N ASN A 147 -18.12 -4.66 -5.65
CA ASN A 147 -18.51 -5.86 -6.39
C ASN A 147 -17.35 -6.39 -7.23
N LEU A 148 -16.27 -6.76 -6.54
CA LEU A 148 -15.06 -7.24 -7.20
C LEU A 148 -15.31 -8.53 -7.99
N GLN A 149 -14.75 -8.60 -9.19
CA GLN A 149 -14.91 -9.78 -10.04
C GLN A 149 -13.71 -10.71 -9.92
N GLY A 150 -13.91 -11.98 -10.28
CA GLY A 150 -12.85 -12.96 -10.22
C GLY A 150 -11.73 -12.66 -11.19
N GLU A 151 -12.10 -12.07 -12.34
CA GLU A 151 -11.13 -11.69 -13.36
C GLU A 151 -10.20 -10.60 -12.84
N GLU A 152 -10.74 -9.73 -11.99
CA GLU A 152 -9.96 -8.65 -11.40
C GLU A 152 -9.16 -9.15 -10.19
N PHE A 153 -9.75 -10.07 -9.44
CA PHE A 153 -9.13 -10.62 -8.24
C PHE A 153 -7.78 -11.28 -8.56
N VAL A 154 -7.77 -12.12 -9.58
CA VAL A 154 -6.54 -12.83 -9.96
C VAL A 154 -5.49 -11.86 -10.51
N CYS A 155 -5.96 -10.73 -11.04
CA CYS A 155 -5.05 -9.69 -11.51
C CYS A 155 -4.43 -8.95 -10.33
N LEU A 156 -5.24 -8.66 -9.32
CA LEU A 156 -4.76 -8.00 -8.11
C LEU A 156 -3.77 -8.88 -7.35
N LYS A 157 -4.01 -10.18 -7.39
CA LYS A 157 -3.16 -11.13 -6.67
C LYS A 157 -1.81 -11.29 -7.36
N SER A 158 -1.81 -11.24 -8.69
CA SER A 158 -0.58 -11.32 -9.46
C SER A 158 0.28 -10.08 -9.25
N ILE A 159 -0.38 -8.92 -9.19
CA ILE A 159 0.32 -7.66 -8.94
C ILE A 159 1.03 -7.69 -7.60
N ILE A 160 0.33 -8.19 -6.59
CA ILE A 160 0.89 -8.31 -5.24
C ILE A 160 2.18 -9.13 -5.23
N LEU A 161 2.16 -10.26 -5.93
CA LEU A 161 3.32 -11.13 -6.02
C LEU A 161 4.51 -10.44 -6.69
N LEU A 162 4.23 -9.63 -7.70
CA LEU A 162 5.29 -8.98 -8.47
C LEU A 162 5.73 -7.63 -7.89
N ASN A 163 4.85 -6.98 -7.14
CA ASN A 163 5.13 -5.64 -6.65
C ASN A 163 5.77 -5.56 -5.26
N SER A 164 5.41 -6.49 -4.38
CA SER A 164 5.86 -6.45 -2.98
C SER A 164 7.37 -6.65 -2.84
N GLY A 165 8.03 -7.10 -3.90
CA GLY A 165 9.46 -7.30 -3.86
C GLY A 165 10.20 -6.49 -4.91
N ASP A 181 12.36 -3.77 -14.25
CA ASP A 181 12.88 -4.09 -15.58
C ASP A 181 11.90 -4.97 -16.35
N HIS A 182 12.10 -6.28 -16.24
CA HIS A 182 11.18 -7.24 -16.86
C HIS A 182 9.88 -7.30 -16.06
N ILE A 183 10.02 -7.27 -14.73
CA ILE A 183 8.89 -7.33 -13.81
C ILE A 183 7.90 -6.19 -14.05
N HIS A 184 8.43 -5.01 -14.32
CA HIS A 184 7.59 -3.83 -14.51
C HIS A 184 6.82 -3.87 -15.84
N ARG A 185 7.43 -4.47 -16.86
CA ARG A 185 6.75 -4.65 -18.14
C ARG A 185 5.58 -5.60 -17.98
N VAL A 186 5.79 -6.64 -17.18
CA VAL A 186 4.73 -7.60 -16.87
C VAL A 186 3.63 -6.90 -16.06
N LEU A 187 4.06 -6.09 -15.09
CA LEU A 187 3.13 -5.32 -14.27
C LEU A 187 2.34 -4.33 -15.13
N ASP A 188 2.98 -3.77 -16.14
CA ASP A 188 2.30 -2.85 -17.06
C ASP A 188 1.28 -3.60 -17.92
N LYS A 189 1.53 -4.89 -18.14
CA LYS A 189 0.62 -5.71 -18.94
C LYS A 189 -0.63 -6.06 -18.14
N ILE A 190 -0.46 -6.24 -16.83
CA ILE A 190 -1.57 -6.56 -15.94
C ILE A 190 -2.51 -5.35 -15.82
N THR A 191 -1.93 -4.16 -15.86
CA THR A 191 -2.70 -2.93 -15.83
C THR A 191 -3.59 -2.82 -17.06
N ASP A 192 -3.00 -3.09 -18.23
CA ASP A 192 -3.74 -3.11 -19.49
C ASP A 192 -4.86 -4.14 -19.44
N THR A 193 -4.56 -5.28 -18.83
CA THR A 193 -5.52 -6.37 -18.71
C THR A 193 -6.71 -5.95 -17.83
N LEU A 194 -6.40 -5.34 -16.68
CA LEU A 194 -7.43 -4.84 -15.78
C LEU A 194 -8.31 -3.82 -16.47
N ILE A 195 -7.68 -2.86 -17.15
CA ILE A 195 -8.40 -1.85 -17.91
C ILE A 195 -9.28 -2.50 -18.98
N HIS A 196 -8.72 -3.50 -19.66
CA HIS A 196 -9.45 -4.22 -20.70
C HIS A 196 -10.72 -4.87 -20.15
N LEU A 197 -10.64 -5.36 -18.92
CA LEU A 197 -11.79 -5.97 -18.26
C LEU A 197 -12.85 -4.93 -17.92
N MET A 198 -12.40 -3.74 -17.54
CA MET A 198 -13.31 -2.67 -17.16
C MET A 198 -13.93 -2.01 -18.39
N ALA A 199 -13.16 -1.97 -19.48
CA ALA A 199 -13.64 -1.40 -20.73
C ALA A 199 -14.73 -2.28 -21.34
N LYS A 200 -14.55 -3.59 -21.21
CA LYS A 200 -15.54 -4.55 -21.72
C LYS A 200 -16.78 -4.57 -20.84
N ALA A 201 -16.64 -4.11 -19.60
CA ALA A 201 -17.75 -4.05 -18.67
C ALA A 201 -18.73 -2.94 -19.06
N GLY A 202 -18.31 -2.09 -20.00
CA GLY A 202 -19.15 -1.00 -20.47
C GLY A 202 -18.81 0.30 -19.80
N LEU A 203 -17.66 0.35 -19.14
CA LEU A 203 -17.25 1.54 -18.41
C LEU A 203 -16.58 2.57 -19.32
N THR A 204 -16.96 3.82 -19.15
CA THR A 204 -16.29 4.95 -19.79
C THR A 204 -14.88 5.11 -19.21
N LEU A 205 -14.08 5.96 -19.83
CA LEU A 205 -12.68 6.12 -19.43
C LEU A 205 -12.53 6.61 -18.00
N GLN A 206 -13.38 7.53 -17.58
CA GLN A 206 -13.30 8.10 -16.24
C GLN A 206 -13.49 7.03 -15.17
N GLN A 207 -14.56 6.26 -15.28
CA GLN A 207 -14.84 5.24 -14.28
C GLN A 207 -13.83 4.08 -14.36
N GLN A 208 -13.16 3.95 -15.49
CA GLN A 208 -12.16 2.89 -15.66
C GLN A 208 -10.92 3.11 -14.81
N HIS A 209 -10.29 4.28 -14.92
CA HIS A 209 -9.08 4.55 -14.16
C HIS A 209 -9.41 4.92 -12.71
N GLN A 210 -10.65 5.35 -12.47
CA GLN A 210 -11.10 5.57 -11.10
C GLN A 210 -11.15 4.24 -10.35
N ARG A 211 -11.77 3.25 -10.96
CA ARG A 211 -11.85 1.91 -10.37
C ARG A 211 -10.47 1.29 -10.20
N LEU A 212 -9.62 1.50 -11.19
CA LEU A 212 -8.23 1.02 -11.14
C LEU A 212 -7.52 1.59 -9.93
N ALA A 213 -7.71 2.89 -9.69
CA ALA A 213 -7.11 3.56 -8.55
C ALA A 213 -7.68 2.99 -7.25
N GLN A 214 -8.99 2.80 -7.21
CA GLN A 214 -9.67 2.25 -6.04
C GLN A 214 -9.11 0.86 -5.69
N LEU A 215 -8.89 0.05 -6.71
CA LEU A 215 -8.39 -1.31 -6.51
C LEU A 215 -6.96 -1.33 -5.97
N LEU A 216 -6.08 -0.58 -6.60
CA LEU A 216 -4.66 -0.59 -6.24
C LEU A 216 -4.40 0.04 -4.89
N LEU A 217 -5.26 0.97 -4.48
CA LEU A 217 -5.11 1.63 -3.19
C LEU A 217 -5.46 0.68 -2.04
N ILE A 218 -6.24 -0.35 -2.34
CA ILE A 218 -6.58 -1.37 -1.37
C ILE A 218 -5.35 -2.20 -1.03
N LEU A 219 -4.48 -2.37 -2.01
CA LEU A 219 -3.25 -3.13 -1.84
C LEU A 219 -2.35 -2.52 -0.75
N SER A 220 -2.43 -1.20 -0.60
CA SER A 220 -1.70 -0.50 0.45
C SER A 220 -2.20 -0.94 1.82
N HIS A 221 -3.51 -1.11 1.92
CA HIS A 221 -4.13 -1.57 3.16
C HIS A 221 -3.80 -3.03 3.41
N ILE A 222 -3.67 -3.80 2.33
CA ILE A 222 -3.31 -5.21 2.41
C ILE A 222 -1.86 -5.37 2.87
N ARG A 223 -0.99 -4.50 2.36
CA ARG A 223 0.40 -4.48 2.80
C ARG A 223 0.48 -4.17 4.30
N HIS A 224 -0.34 -3.20 4.71
CA HIS A 224 -0.42 -2.81 6.11
C HIS A 224 -0.82 -3.99 7.00
N MET A 225 -1.86 -4.70 6.60
CA MET A 225 -2.35 -5.86 7.34
C MET A 225 -1.28 -6.94 7.46
N SER A 226 -0.53 -7.15 6.38
CA SER A 226 0.54 -8.13 6.37
C SER A 226 1.64 -7.73 7.36
N ASN A 227 2.01 -6.46 7.35
CA ASN A 227 3.03 -5.94 8.25
C ASN A 227 2.69 -6.16 9.72
N LYS A 228 1.43 -5.93 10.06
CA LYS A 228 0.96 -6.18 11.43
C LYS A 228 0.95 -7.67 11.72
N GLY A 229 0.74 -8.46 10.67
CA GLY A 229 0.72 -9.91 10.80
C GLY A 229 2.10 -10.49 11.07
N MET A 230 3.10 -9.95 10.39
CA MET A 230 4.48 -10.43 10.56
C MET A 230 4.98 -10.18 11.98
N GLU A 231 4.53 -9.08 12.56
CA GLU A 231 4.88 -8.70 13.89
C GLU A 231 4.48 -9.75 14.88
N HIS A 232 3.21 -10.14 14.84
CA HIS A 232 2.64 -11.11 15.74
C HIS A 232 3.33 -12.46 15.59
N LEU A 233 3.58 -12.85 14.35
CA LEU A 233 4.28 -14.10 14.07
C LEU A 233 5.73 -14.02 14.56
N TYR A 234 6.28 -12.82 14.58
CA TYR A 234 7.62 -12.61 15.12
C TYR A 234 7.58 -12.64 16.64
N SER A 235 6.45 -12.22 17.20
CA SER A 235 6.26 -12.22 18.65
C SER A 235 5.90 -13.61 19.15
N MET A 236 6.52 -14.63 18.56
CA MET A 236 6.25 -16.02 18.91
C MET A 236 7.54 -16.84 18.88
N LYS A 237 7.58 -17.91 19.67
CA LYS A 237 8.76 -18.75 19.75
C LYS A 237 8.87 -19.71 18.57
N SER A 238 10.10 -20.07 18.23
CA SER A 238 10.36 -20.99 17.13
C SER A 238 9.78 -22.38 17.38
N PRO A 243 13.04 -21.61 7.19
CA PRO A 243 12.32 -22.81 6.74
C PRO A 243 11.27 -22.49 5.69
N LEU A 244 10.94 -21.21 5.53
CA LEU A 244 10.11 -20.78 4.42
C LEU A 244 10.99 -20.76 3.19
N SER A 245 12.12 -20.08 3.30
CA SER A 245 13.12 -20.02 2.23
C SER A 245 13.55 -21.41 1.80
N ASP A 246 13.57 -22.35 2.76
CA ASP A 246 13.93 -23.76 2.50
C ASP A 246 12.81 -24.39 1.70
N LEU A 247 11.59 -24.16 2.16
CA LEU A 247 10.42 -24.67 1.44
C LEU A 247 10.32 -24.02 0.06
N LEU A 248 10.52 -22.71 0.02
CA LEU A 248 10.49 -21.96 -1.24
C LEU A 248 11.52 -22.50 -2.21
N LEU A 249 12.77 -22.58 -1.77
CA LEU A 249 13.86 -23.08 -2.60
C LEU A 249 13.63 -24.52 -3.04
N GLU A 250 13.19 -25.36 -2.10
CA GLU A 250 12.98 -26.78 -2.37
C GLU A 250 11.93 -27.02 -3.45
N MET A 251 10.85 -26.25 -3.42
CA MET A 251 9.74 -26.45 -4.34
C MET A 251 9.90 -25.68 -5.64
N LEU A 252 10.60 -24.55 -5.57
CA LEU A 252 10.78 -23.71 -6.75
C LEU A 252 11.85 -24.29 -7.68
N ASP A 253 12.71 -25.14 -7.13
CA ASP A 253 13.82 -25.72 -7.86
C ASP A 253 13.54 -27.18 -8.23
N ALA B 15 -16.30 21.79 -3.36
CA ALA B 15 -15.06 21.03 -3.33
C ALA B 15 -15.08 19.90 -4.36
N LEU B 16 -16.26 19.33 -4.57
CA LEU B 16 -16.43 18.25 -5.53
C LEU B 16 -16.66 18.80 -6.93
N SER B 17 -16.75 20.11 -7.05
CA SER B 17 -17.05 20.76 -8.31
C SER B 17 -15.84 21.47 -8.92
N LEU B 18 -14.69 21.33 -8.27
CA LEU B 18 -13.45 21.91 -8.79
C LEU B 18 -13.06 21.26 -10.10
N THR B 19 -12.08 21.85 -10.78
CA THR B 19 -11.52 21.23 -11.98
C THR B 19 -10.17 20.64 -11.64
N ALA B 20 -9.56 19.97 -12.61
CA ALA B 20 -8.24 19.35 -12.40
C ALA B 20 -7.19 20.42 -12.12
N ASP B 21 -7.27 21.53 -12.84
CA ASP B 21 -6.32 22.62 -12.68
C ASP B 21 -6.53 23.36 -11.36
N GLN B 22 -7.78 23.46 -10.93
CA GLN B 22 -8.10 24.10 -9.66
C GLN B 22 -7.67 23.22 -8.49
N MET B 23 -7.71 21.90 -8.70
CA MET B 23 -7.25 20.95 -7.70
C MET B 23 -5.75 21.08 -7.50
N VAL B 24 -5.02 21.12 -8.61
CA VAL B 24 -3.57 21.29 -8.59
C VAL B 24 -3.17 22.61 -7.97
N SER B 25 -3.87 23.67 -8.35
CA SER B 25 -3.59 25.02 -7.87
C SER B 25 -3.78 25.13 -6.36
N ALA B 26 -4.83 24.50 -5.85
CA ALA B 26 -5.12 24.53 -4.43
C ALA B 26 -4.09 23.77 -3.63
N LEU B 27 -3.65 22.63 -4.17
CA LEU B 27 -2.67 21.79 -3.50
C LEU B 27 -1.28 22.40 -3.49
N LEU B 28 -0.90 23.04 -4.59
CA LEU B 28 0.41 23.65 -4.70
C LEU B 28 0.60 24.81 -3.74
N ASP B 29 -0.45 25.60 -3.54
CA ASP B 29 -0.38 26.73 -2.63
C ASP B 29 -0.55 26.27 -1.19
N ALA B 30 -0.97 25.02 -1.03
CA ALA B 30 -1.15 24.43 0.29
C ALA B 30 0.16 23.82 0.79
N GLU B 31 1.14 23.74 -0.11
CA GLU B 31 2.43 23.11 0.19
C GLU B 31 3.13 23.72 1.39
N PRO B 32 3.56 22.87 2.33
CA PRO B 32 4.32 23.30 3.51
C PRO B 32 5.75 23.68 3.15
N PRO B 33 6.37 24.56 3.94
CA PRO B 33 7.76 24.96 3.68
C PRO B 33 8.76 23.88 4.08
N ILE B 34 9.93 23.90 3.46
CA ILE B 34 10.99 22.97 3.82
C ILE B 34 11.76 23.50 5.02
N LEU B 35 11.55 22.88 6.18
CA LEU B 35 12.15 23.36 7.42
C LEU B 35 13.61 22.95 7.55
N TYR B 36 14.32 23.64 8.44
CA TYR B 36 15.73 23.38 8.68
C TYR B 36 15.96 22.65 9.99
N SER B 37 17.02 21.83 10.04
CA SER B 37 17.44 21.21 11.28
C SER B 37 18.08 22.27 12.17
N GLU B 38 17.88 22.14 13.47
CA GLU B 38 18.35 23.14 14.43
C GLU B 38 19.86 23.37 14.33
N TYR B 39 20.24 24.61 14.04
CA TYR B 39 21.65 24.98 13.97
C TYR B 39 22.29 24.90 15.36
N ASP B 40 23.38 24.13 15.46
CA ASP B 40 24.10 23.89 16.73
C ASP B 40 25.44 23.23 16.44
N PRO B 41 26.47 24.01 16.05
CA PRO B 41 27.77 23.43 15.68
C PRO B 41 28.44 22.64 16.79
N THR B 42 28.32 23.08 18.04
CA THR B 42 28.91 22.40 19.19
C THR B 42 28.10 21.19 19.62
N MET B 50 21.28 11.70 16.33
CA MET B 50 20.61 11.89 15.05
C MET B 50 19.09 11.81 15.17
N MET B 51 18.61 10.82 15.90
CA MET B 51 17.18 10.64 16.10
C MET B 51 16.59 11.81 16.87
N GLY B 52 17.43 12.48 17.65
CA GLY B 52 17.04 13.70 18.34
C GLY B 52 16.81 14.82 17.34
N LEU B 53 17.70 14.94 16.36
CA LEU B 53 17.57 15.94 15.31
C LEU B 53 16.36 15.64 14.43
N LEU B 54 16.16 14.37 14.11
CA LEU B 54 15.05 13.96 13.28
C LEU B 54 13.72 14.13 14.01
N THR B 55 13.72 13.85 15.31
CA THR B 55 12.51 14.00 16.13
C THR B 55 12.11 15.47 16.21
N ASN B 56 13.09 16.34 16.46
CA ASN B 56 12.85 17.77 16.52
C ASN B 56 12.31 18.32 15.21
N LEU B 57 12.96 17.94 14.12
CA LEU B 57 12.54 18.38 12.78
C LEU B 57 11.12 17.92 12.46
N ALA B 58 10.83 16.66 12.75
CA ALA B 58 9.53 16.07 12.45
C ALA B 58 8.40 16.74 13.21
N ASP B 59 8.66 17.09 14.47
CA ASP B 59 7.65 17.71 15.31
C ASP B 59 7.30 19.12 14.84
N ARG B 60 8.29 19.82 14.30
CA ARG B 60 8.04 21.15 13.74
C ARG B 60 7.37 21.03 12.37
N GLU B 61 7.72 19.99 11.63
CA GLU B 61 7.08 19.71 10.35
C GLU B 61 5.62 19.35 10.54
N LEU B 62 5.32 18.66 11.64
CA LEU B 62 3.98 18.17 11.92
C LEU B 62 2.97 19.31 12.06
N VAL B 63 3.42 20.43 12.63
CA VAL B 63 2.55 21.59 12.83
C VAL B 63 2.13 22.19 11.48
N HIS B 64 3.05 22.22 10.52
CA HIS B 64 2.75 22.71 9.19
C HIS B 64 1.87 21.74 8.42
N MET B 65 1.96 20.45 8.76
CA MET B 65 1.17 19.42 8.09
C MET B 65 -0.32 19.58 8.39
N ILE B 66 -0.62 19.99 9.62
CA ILE B 66 -2.00 20.21 10.04
C ILE B 66 -2.63 21.34 9.21
N ASN B 67 -1.89 22.43 9.03
CA ASN B 67 -2.34 23.54 8.21
C ASN B 67 -2.55 23.12 6.76
N TRP B 68 -1.63 22.31 6.25
CA TRP B 68 -1.70 21.81 4.88
C TRP B 68 -2.92 20.92 4.68
N ALA B 69 -3.11 19.98 5.60
CA ALA B 69 -4.22 19.03 5.53
C ALA B 69 -5.56 19.75 5.50
N LYS B 70 -5.67 20.83 6.26
CA LYS B 70 -6.90 21.61 6.30
C LYS B 70 -7.14 22.34 4.97
N ARG B 71 -6.10 22.42 4.14
CA ARG B 71 -6.23 23.06 2.84
C ARG B 71 -6.41 22.04 1.73
N VAL B 72 -6.27 20.76 2.07
CA VAL B 72 -6.57 19.68 1.13
C VAL B 72 -8.07 19.67 0.87
N PRO B 73 -8.48 19.78 -0.41
CA PRO B 73 -9.89 19.88 -0.80
C PRO B 73 -10.75 18.74 -0.26
N GLY B 74 -11.76 19.09 0.53
CA GLY B 74 -12.71 18.11 1.03
C GLY B 74 -12.35 17.55 2.39
N PHE B 75 -11.21 17.96 2.93
CA PHE B 75 -10.75 17.44 4.22
C PHE B 75 -11.48 18.09 5.38
N VAL B 76 -11.86 19.35 5.22
CA VAL B 76 -12.57 20.08 6.28
C VAL B 76 -14.06 19.75 6.29
N ASP B 77 -14.51 19.02 5.27
CA ASP B 77 -15.90 18.59 5.20
C ASP B 77 -16.12 17.39 6.13
N LEU B 78 -15.03 16.82 6.61
CA LEU B 78 -15.09 15.69 7.53
C LEU B 78 -15.28 16.16 8.97
N THR B 79 -15.70 15.26 9.84
CA THR B 79 -15.82 15.55 11.25
C THR B 79 -14.43 15.73 11.86
N LEU B 80 -14.36 16.34 13.04
CA LEU B 80 -13.10 16.58 13.71
C LEU B 80 -12.44 15.27 14.13
N HIS B 81 -13.25 14.29 14.50
CA HIS B 81 -12.75 12.99 14.93
C HIS B 81 -12.10 12.23 13.77
N ASP B 82 -12.70 12.33 12.59
CA ASP B 82 -12.17 11.67 11.41
C ASP B 82 -10.88 12.33 10.92
N GLN B 83 -10.79 13.64 11.07
CA GLN B 83 -9.60 14.38 10.68
C GLN B 83 -8.40 13.96 11.52
N VAL B 84 -8.64 13.72 12.81
CA VAL B 84 -7.59 13.27 13.71
C VAL B 84 -7.14 11.86 13.33
N HIS B 85 -8.10 11.00 13.04
CA HIS B 85 -7.83 9.62 12.69
C HIS B 85 -6.98 9.49 11.42
N LEU B 86 -7.34 10.25 10.39
CA LEU B 86 -6.63 10.22 9.13
C LEU B 86 -5.19 10.69 9.28
N LEU B 87 -4.99 11.71 10.12
CA LEU B 87 -3.66 12.27 10.33
C LEU B 87 -2.77 11.37 11.17
N GLU B 88 -3.34 10.71 12.17
CA GLU B 88 -2.57 9.83 13.04
C GLU B 88 -2.14 8.56 12.30
N SER B 89 -2.81 8.28 11.18
CA SER B 89 -2.53 7.09 10.39
C SER B 89 -1.54 7.36 9.27
N ALA B 90 -1.50 8.60 8.79
CA ALA B 90 -0.77 8.92 7.57
C ALA B 90 0.43 9.84 7.76
N TRP B 91 0.59 10.39 8.97
CA TRP B 91 1.57 11.44 9.20
C TRP B 91 3.00 11.04 8.84
N LEU B 92 3.39 9.81 9.15
CA LEU B 92 4.74 9.35 8.86
C LEU B 92 4.92 9.09 7.37
N GLU B 93 3.86 8.58 6.73
CA GLU B 93 3.85 8.40 5.28
C GLU B 93 4.03 9.73 4.57
N ILE B 94 3.33 10.75 5.08
CA ILE B 94 3.39 12.09 4.51
C ILE B 94 4.79 12.70 4.67
N LEU B 95 5.39 12.47 5.83
CA LEU B 95 6.74 12.95 6.09
C LEU B 95 7.75 12.22 5.21
N MET B 96 7.54 10.93 5.02
CA MET B 96 8.46 10.09 4.27
C MET B 96 8.43 10.38 2.77
N ILE B 97 7.23 10.61 2.22
CA ILE B 97 7.12 10.89 0.80
C ILE B 97 7.66 12.29 0.50
N GLY B 98 7.61 13.17 1.50
CA GLY B 98 8.19 14.49 1.39
C GLY B 98 9.70 14.39 1.41
N LEU B 99 10.21 13.53 2.27
CA LEU B 99 11.64 13.26 2.36
C LEU B 99 12.16 12.70 1.03
N VAL B 100 11.43 11.74 0.48
CA VAL B 100 11.79 11.10 -0.77
C VAL B 100 11.74 12.10 -1.93
N TRP B 101 10.75 12.99 -1.90
CA TRP B 101 10.57 13.99 -2.95
C TRP B 101 11.76 14.94 -3.05
N ARG B 102 12.18 15.48 -1.91
CA ARG B 102 13.26 16.47 -1.90
C ARG B 102 14.65 15.82 -1.97
N SER B 103 14.69 14.50 -1.85
CA SER B 103 15.95 13.77 -1.93
C SER B 103 16.19 13.24 -3.34
N MET B 104 15.29 13.61 -4.25
CA MET B 104 15.26 13.05 -5.60
C MET B 104 16.52 13.35 -6.41
N GLU B 105 16.92 14.62 -6.44
CA GLU B 105 18.10 15.02 -7.21
C GLU B 105 19.37 14.99 -6.36
N HIS B 106 19.37 14.10 -5.36
CA HIS B 106 20.56 13.82 -4.57
C HIS B 106 20.77 12.31 -4.50
N PRO B 107 21.18 11.70 -5.63
CA PRO B 107 21.26 10.24 -5.78
C PRO B 107 22.08 9.56 -4.69
N GLY B 108 21.54 8.46 -4.16
CA GLY B 108 22.20 7.69 -3.13
C GLY B 108 22.34 8.45 -1.83
N LYS B 109 21.43 9.39 -1.58
CA LYS B 109 21.49 10.17 -0.36
C LYS B 109 20.16 10.85 -0.06
N LEU B 110 19.85 10.95 1.24
CA LEU B 110 18.58 11.50 1.69
C LEU B 110 18.72 12.93 2.22
N LEU B 111 17.82 13.80 1.80
CA LEU B 111 17.81 15.19 2.24
C LEU B 111 16.74 15.42 3.30
N PHE B 112 17.08 15.18 4.55
CA PHE B 112 16.16 15.40 5.66
C PHE B 112 15.89 16.89 5.81
N ALA B 113 16.96 17.68 5.75
CA ALA B 113 16.89 19.13 5.75
C ALA B 113 18.02 19.64 4.87
N PRO B 114 17.89 20.87 4.35
CA PRO B 114 18.96 21.42 3.51
C PRO B 114 20.32 21.42 4.21
N ASN B 115 20.30 21.51 5.54
CA ASN B 115 21.54 21.45 6.32
C ASN B 115 21.73 20.10 7.01
N LEU B 116 20.86 19.15 6.69
CA LEU B 116 20.99 17.79 7.22
C LEU B 116 20.86 16.79 6.08
N LEU B 117 21.99 16.50 5.45
CA LEU B 117 22.02 15.65 4.26
C LEU B 117 22.90 14.42 4.50
N LEU B 118 22.28 13.24 4.56
CA LEU B 118 23.00 12.03 4.93
C LEU B 118 23.08 10.98 3.83
N ASP B 119 24.27 10.47 3.59
CA ASP B 119 24.29 9.38 2.62
C ASP B 119 24.20 8.03 3.32
N ARG B 120 24.42 6.96 2.55
CA ARG B 120 24.21 5.61 3.06
C ARG B 120 25.05 5.26 4.29
N ASN B 121 26.37 5.41 4.22
CA ASN B 121 27.18 5.01 5.37
C ASN B 121 26.89 5.87 6.58
N GLN B 122 26.65 7.17 6.41
CA GLN B 122 26.21 8.03 7.51
C GLN B 122 24.88 7.54 8.08
N GLY B 123 24.03 7.02 7.19
CA GLY B 123 22.70 6.58 7.58
C GLY B 123 22.67 5.19 8.18
N LYS B 124 23.63 4.36 7.82
CA LYS B 124 23.74 3.00 8.35
C LYS B 124 23.97 3.00 9.86
N SER B 125 24.50 4.11 10.36
CA SER B 125 24.85 4.25 11.77
C SER B 125 23.75 4.98 12.56
N VAL B 126 22.54 5.00 12.02
CA VAL B 126 21.44 5.72 12.65
C VAL B 126 20.45 4.73 13.28
N GLU B 127 19.78 5.17 14.34
CA GLU B 127 18.82 4.35 15.07
C GLU B 127 17.71 3.82 14.19
N GLY B 128 17.75 2.53 13.90
CA GLY B 128 16.67 1.85 13.20
C GLY B 128 16.36 2.35 11.80
N MET B 129 17.26 3.15 11.23
CA MET B 129 17.14 3.52 9.83
C MET B 129 17.95 2.52 9.02
N VAL B 130 18.29 1.42 9.66
CA VAL B 130 19.07 0.35 9.04
C VAL B 130 18.31 -0.29 7.88
N GLU B 131 16.98 -0.34 7.99
CA GLU B 131 16.15 -0.98 6.97
C GLU B 131 15.59 0.02 5.98
N ILE B 132 15.05 1.11 6.50
CA ILE B 132 14.26 2.04 5.70
C ILE B 132 15.10 3.01 4.87
N PHE B 133 16.35 3.20 5.23
CA PHE B 133 17.22 4.12 4.49
C PHE B 133 17.37 3.66 3.03
N ASP B 134 17.71 2.38 2.87
CA ASP B 134 17.85 1.81 1.53
C ASP B 134 16.52 1.79 0.78
N MET B 135 15.44 1.61 1.53
CA MET B 135 14.11 1.61 0.94
C MET B 135 13.72 3.01 0.46
N LEU B 136 14.02 4.01 1.29
CA LEU B 136 13.74 5.39 0.94
C LEU B 136 14.54 5.85 -0.28
N LEU B 137 15.79 5.39 -0.36
CA LEU B 137 16.64 5.71 -1.50
C LEU B 137 16.09 5.10 -2.79
N ALA B 138 15.68 3.84 -2.72
CA ALA B 138 15.13 3.14 -3.87
C ALA B 138 13.84 3.80 -4.34
N THR B 139 13.04 4.27 -3.39
CA THR B 139 11.82 5.00 -3.71
C THR B 139 12.17 6.32 -4.39
N SER B 140 13.22 6.97 -3.89
CA SER B 140 13.69 8.23 -4.47
C SER B 140 14.24 8.00 -5.87
N SER B 141 14.96 6.90 -6.05
CA SER B 141 15.46 6.44 -7.34
C SER B 141 14.30 6.21 -8.31
N ARG B 142 13.26 5.59 -7.76
CA ARG B 142 12.08 5.24 -8.55
C ARG B 142 11.37 6.48 -9.07
N PHE B 143 11.12 7.44 -8.18
CA PHE B 143 10.48 8.69 -8.57
C PHE B 143 11.30 9.47 -9.59
N ARG B 144 12.62 9.43 -9.43
CA ARG B 144 13.52 10.18 -10.31
C ARG B 144 13.52 9.61 -11.73
N MET B 145 13.64 8.30 -11.84
CA MET B 145 13.66 7.64 -13.15
C MET B 145 12.27 7.64 -13.78
N MET B 146 11.25 7.89 -12.97
CA MET B 146 9.89 8.08 -13.48
C MET B 146 9.68 9.54 -13.85
N ASN B 147 10.62 10.40 -13.45
CA ASN B 147 10.51 11.84 -13.61
C ASN B 147 9.21 12.36 -13.01
N LEU B 148 9.02 12.11 -11.73
CA LEU B 148 7.84 12.54 -11.00
C LEU B 148 7.72 14.06 -11.00
N GLN B 149 6.59 14.56 -11.47
CA GLN B 149 6.33 15.99 -11.50
C GLN B 149 5.79 16.47 -10.16
N GLY B 150 5.95 17.76 -9.88
CA GLY B 150 5.48 18.34 -8.63
C GLY B 150 3.97 18.27 -8.51
N GLU B 151 3.28 18.42 -9.64
CA GLU B 151 1.83 18.35 -9.67
C GLU B 151 1.33 16.95 -9.30
N GLU B 152 2.10 15.93 -9.70
CA GLU B 152 1.78 14.56 -9.37
C GLU B 152 2.08 14.26 -7.92
N PHE B 153 3.18 14.81 -7.43
CA PHE B 153 3.61 14.60 -6.05
C PHE B 153 2.57 15.06 -5.03
N VAL B 154 2.09 16.29 -5.19
CA VAL B 154 1.12 16.86 -4.27
C VAL B 154 -0.21 16.10 -4.33
N CYS B 155 -0.47 15.47 -5.48
CA CYS B 155 -1.66 14.63 -5.62
C CYS B 155 -1.50 13.34 -4.82
N LEU B 156 -0.31 12.74 -4.93
CA LEU B 156 -0.02 11.49 -4.23
C LEU B 156 -0.07 11.68 -2.71
N LYS B 157 0.46 12.81 -2.25
CA LYS B 157 0.48 13.10 -0.82
C LYS B 157 -0.93 13.29 -0.28
N SER B 158 -1.80 13.91 -1.09
CA SER B 158 -3.20 14.10 -0.72
C SER B 158 -3.93 12.76 -0.64
N ILE B 159 -3.64 11.88 -1.61
CA ILE B 159 -4.21 10.54 -1.64
C ILE B 159 -3.85 9.78 -0.37
N ILE B 160 -2.59 9.88 0.04
CA ILE B 160 -2.11 9.24 1.27
C ILE B 160 -2.91 9.70 2.48
N LEU B 161 -3.16 11.01 2.56
CA LEU B 161 -3.89 11.59 3.69
C LEU B 161 -5.29 11.01 3.86
N LEU B 162 -5.96 10.74 2.74
CA LEU B 162 -7.35 10.31 2.78
C LEU B 162 -7.52 8.79 2.78
N ASN B 163 -6.50 8.07 2.33
CA ASN B 163 -6.61 6.64 2.11
C ASN B 163 -6.04 5.76 3.23
N SER B 164 -5.05 6.29 3.95
CA SER B 164 -4.32 5.50 4.93
C SER B 164 -5.18 4.99 6.08
N GLY B 165 -6.13 5.80 6.54
CA GLY B 165 -6.97 5.43 7.66
C GLY B 165 -8.42 5.22 7.31
N VAL B 166 -8.71 5.08 6.02
CA VAL B 166 -10.08 4.97 5.54
C VAL B 166 -10.69 3.60 5.88
N TYR B 167 -9.84 2.63 6.21
CA TYR B 167 -10.31 1.28 6.46
C TYR B 167 -10.22 0.91 7.95
N THR B 168 -9.50 1.72 8.71
CA THR B 168 -9.35 1.48 10.14
C THR B 168 -10.00 2.59 10.95
N LYS B 180 -17.41 8.78 4.62
CA LYS B 180 -16.65 7.70 4.00
C LYS B 180 -16.88 7.65 2.49
N ASP B 181 -18.11 7.97 2.08
CA ASP B 181 -18.44 8.08 0.67
C ASP B 181 -17.86 9.37 0.10
N HIS B 182 -17.81 10.39 0.95
CA HIS B 182 -17.24 11.67 0.58
C HIS B 182 -15.74 11.53 0.34
N ILE B 183 -15.08 10.75 1.20
CA ILE B 183 -13.65 10.50 1.08
C ILE B 183 -13.32 9.84 -0.25
N HIS B 184 -14.09 8.82 -0.62
CA HIS B 184 -13.87 8.12 -1.88
C HIS B 184 -14.21 8.99 -3.08
N ARG B 185 -15.11 9.94 -2.89
CA ARG B 185 -15.46 10.87 -3.96
C ARG B 185 -14.33 11.86 -4.22
N VAL B 186 -13.68 12.31 -3.15
CA VAL B 186 -12.54 13.21 -3.28
C VAL B 186 -11.36 12.45 -3.90
N LEU B 187 -11.16 11.21 -3.47
CA LEU B 187 -10.10 10.37 -4.00
C LEU B 187 -10.24 10.14 -5.50
N ASP B 188 -11.47 9.85 -5.94
CA ASP B 188 -11.74 9.65 -7.36
C ASP B 188 -11.45 10.92 -8.15
N LYS B 189 -11.63 12.07 -7.50
CA LYS B 189 -11.37 13.35 -8.14
C LYS B 189 -9.86 13.60 -8.28
N ILE B 190 -9.11 13.23 -7.25
CA ILE B 190 -7.65 13.33 -7.32
C ILE B 190 -7.13 12.38 -8.37
N THR B 191 -7.84 11.26 -8.56
CA THR B 191 -7.52 10.32 -9.64
C THR B 191 -7.78 10.98 -10.99
N ASP B 192 -8.90 11.71 -11.08
CA ASP B 192 -9.24 12.45 -12.29
C ASP B 192 -8.19 13.51 -12.58
N THR B 193 -7.66 14.11 -11.52
CA THR B 193 -6.65 15.15 -11.64
C THR B 193 -5.33 14.59 -12.16
N LEU B 194 -4.92 13.45 -11.61
CA LEU B 194 -3.68 12.79 -12.02
C LEU B 194 -3.70 12.43 -13.51
N ILE B 195 -4.81 11.85 -13.96
CA ILE B 195 -4.98 11.48 -15.36
C ILE B 195 -4.88 12.70 -16.28
N HIS B 196 -5.51 13.79 -15.87
CA HIS B 196 -5.50 15.03 -16.64
C HIS B 196 -4.08 15.57 -16.82
N LEU B 197 -3.27 15.47 -15.77
CA LEU B 197 -1.89 15.93 -15.82
C LEU B 197 -1.06 15.10 -16.79
N MET B 198 -1.38 13.82 -16.89
CA MET B 198 -0.66 12.91 -17.77
C MET B 198 -1.10 13.05 -19.21
N ALA B 199 -2.38 13.33 -19.41
CA ALA B 199 -2.92 13.54 -20.75
C ALA B 199 -2.41 14.84 -21.34
N LYS B 200 -2.31 15.86 -20.50
CA LYS B 200 -1.82 17.16 -20.93
C LYS B 200 -0.32 17.12 -21.22
N ALA B 201 0.39 16.27 -20.48
CA ALA B 201 1.83 16.11 -20.66
C ALA B 201 2.15 15.45 -22.00
N GLY B 202 1.16 14.78 -22.60
CA GLY B 202 1.33 14.20 -23.91
C GLY B 202 1.48 12.68 -23.90
N LEU B 203 1.03 12.05 -22.82
CA LEU B 203 1.09 10.59 -22.72
C LEU B 203 -0.13 9.96 -23.40
N THR B 204 0.10 8.86 -24.10
CA THR B 204 -1.00 8.09 -24.68
C THR B 204 -1.85 7.51 -23.55
N LEU B 205 -3.10 7.20 -23.86
CA LEU B 205 -4.03 6.72 -22.83
C LEU B 205 -3.53 5.46 -22.15
N GLN B 206 -2.84 4.62 -22.91
CA GLN B 206 -2.23 3.41 -22.35
C GLN B 206 -1.15 3.78 -21.35
N GLN B 207 -0.35 4.79 -21.69
CA GLN B 207 0.70 5.28 -20.80
C GLN B 207 0.12 5.99 -19.58
N GLN B 208 -1.09 6.50 -19.72
CA GLN B 208 -1.73 7.25 -18.66
C GLN B 208 -2.12 6.35 -17.49
N HIS B 209 -2.85 5.28 -17.77
CA HIS B 209 -3.27 4.37 -16.70
C HIS B 209 -2.14 3.46 -16.25
N GLN B 210 -1.09 3.35 -17.08
CA GLN B 210 0.10 2.62 -16.69
C GLN B 210 0.89 3.41 -15.65
N ARG B 211 1.09 4.70 -15.93
CA ARG B 211 1.80 5.57 -15.01
C ARG B 211 1.04 5.73 -13.70
N LEU B 212 -0.28 5.87 -13.80
CA LEU B 212 -1.13 5.97 -12.62
C LEU B 212 -0.99 4.73 -11.74
N ALA B 213 -0.91 3.57 -12.38
CA ALA B 213 -0.74 2.31 -11.67
C ALA B 213 0.61 2.25 -10.98
N GLN B 214 1.65 2.68 -11.68
CA GLN B 214 3.01 2.69 -11.14
C GLN B 214 3.12 3.58 -9.91
N LEU B 215 2.54 4.77 -9.99
CA LEU B 215 2.57 5.72 -8.90
C LEU B 215 1.88 5.19 -7.64
N LEU B 216 0.73 4.55 -7.84
CA LEU B 216 -0.07 4.07 -6.74
C LEU B 216 0.52 2.80 -6.11
N LEU B 217 1.21 2.00 -6.91
CA LEU B 217 1.86 0.80 -6.40
C LEU B 217 3.00 1.18 -5.44
N ILE B 218 3.59 2.35 -5.70
CA ILE B 218 4.67 2.86 -4.87
C ILE B 218 4.16 3.24 -3.48
N LEU B 219 2.89 3.64 -3.41
CA LEU B 219 2.26 3.97 -2.13
C LEU B 219 2.23 2.77 -1.20
N SER B 220 2.23 1.57 -1.77
CA SER B 220 2.30 0.35 -0.98
C SER B 220 3.66 0.25 -0.28
N HIS B 221 4.72 0.58 -1.00
CA HIS B 221 6.07 0.57 -0.45
C HIS B 221 6.20 1.63 0.65
N ILE B 222 5.57 2.78 0.43
CA ILE B 222 5.64 3.89 1.38
C ILE B 222 4.86 3.53 2.65
N ARG B 223 3.75 2.83 2.49
CA ARG B 223 3.02 2.29 3.63
C ARG B 223 3.90 1.31 4.40
N HIS B 224 4.63 0.48 3.65
CA HIS B 224 5.53 -0.51 4.21
C HIS B 224 6.65 0.14 5.03
N MET B 225 7.23 1.20 4.48
CA MET B 225 8.32 1.91 5.15
C MET B 225 7.83 2.58 6.43
N SER B 226 6.62 3.15 6.37
CA SER B 226 6.03 3.80 7.52
C SER B 226 5.84 2.82 8.67
N ASN B 227 5.31 1.65 8.35
CA ASN B 227 5.12 0.61 9.36
C ASN B 227 6.43 0.27 10.05
N LYS B 228 7.47 0.04 9.25
CA LYS B 228 8.80 -0.23 9.79
C LYS B 228 9.29 0.88 10.72
N GLY B 229 8.95 2.12 10.38
CA GLY B 229 9.32 3.26 11.19
C GLY B 229 8.54 3.35 12.48
N MET B 230 7.24 3.08 12.40
CA MET B 230 6.35 3.20 13.56
C MET B 230 6.74 2.26 14.70
N GLU B 231 7.25 1.09 14.32
CA GLU B 231 7.61 0.02 15.23
C GLU B 231 8.79 0.42 16.06
N HIS B 232 9.78 0.91 15.38
CA HIS B 232 11.03 1.35 15.99
C HIS B 232 10.77 2.54 16.91
N LEU B 233 9.90 3.44 16.44
CA LEU B 233 9.48 4.59 17.21
C LEU B 233 8.67 4.16 18.43
N TYR B 234 7.99 3.03 18.30
CA TYR B 234 7.11 2.55 19.36
C TYR B 234 7.88 2.13 20.60
N SER B 235 9.16 1.82 20.43
CA SER B 235 10.01 1.43 21.55
C SER B 235 10.66 2.65 22.22
N LEU B 244 0.00 12.46 19.12
CA LEU B 244 -0.90 11.30 19.08
C LEU B 244 -2.35 11.75 18.90
N SER B 245 -3.27 10.88 19.33
CA SER B 245 -4.72 11.15 19.31
C SER B 245 -4.96 12.46 20.08
N ASP B 246 -4.07 12.71 21.03
CA ASP B 246 -3.99 13.95 21.78
C ASP B 246 -3.73 15.18 20.92
N LEU B 247 -2.44 15.35 20.64
CA LEU B 247 -1.88 16.59 20.14
C LEU B 247 -2.51 17.06 18.84
N LEU B 248 -2.91 16.10 18.01
CA LEU B 248 -3.59 16.42 16.75
C LEU B 248 -4.86 17.22 17.01
N LEU B 249 -5.71 16.71 17.89
CA LEU B 249 -6.95 17.40 18.25
C LEU B 249 -6.66 18.81 18.79
N GLU B 250 -5.53 18.95 19.47
CA GLU B 250 -5.08 20.26 19.94
C GLU B 250 -4.81 21.20 18.76
N MET B 251 -3.97 20.76 17.82
CA MET B 251 -3.58 21.57 16.67
C MET B 251 -4.73 21.94 15.74
N LEU B 252 -5.74 21.08 15.64
CA LEU B 252 -6.81 21.30 14.68
C LEU B 252 -7.93 22.17 15.25
N ASP B 253 -7.71 22.70 16.45
CA ASP B 253 -8.68 23.57 17.08
C ASP B 253 -8.61 25.00 16.54
N ALA B 254 -7.62 25.23 15.67
CA ALA B 254 -7.33 26.56 15.15
C ALA B 254 -8.47 27.16 14.35
C10 OHT C . -5.18 -13.58 9.40
C9 OHT C . -4.98 -15.03 9.81
C8 OHT C . -3.54 -15.47 9.88
C11 OHT C . -2.66 -14.76 10.86
C16 OHT C . -1.43 -14.27 10.46
C15 OHT C . -0.61 -13.64 11.36
C14 OHT C . -0.99 -13.48 12.66
C13 OHT C . -2.21 -13.97 13.07
C12 OHT C . -3.02 -14.61 12.19
C7 OHT C . -3.05 -16.48 9.14
C1 OHT C . -3.70 -17.02 7.92
C2 OHT C . -3.64 -18.38 7.66
C3 OHT C . -4.19 -18.93 6.53
C4 OHT C . -4.79 -18.09 5.60
O4 OHT C . -5.32 -18.64 4.50
C5 OHT C . -4.86 -16.73 5.84
C6 OHT C . -4.32 -16.21 6.99
C17 OHT C . -1.76 -17.13 9.41
C18 OHT C . -1.49 -17.72 10.63
C19 OHT C . -0.28 -18.33 10.88
C20 OHT C . 0.69 -18.36 9.91
O20 OHT C . 1.89 -18.96 10.11
C23 OHT C . 2.54 -19.52 9.00
C24 OHT C . 4.03 -19.32 9.15
N24 OHT C . 4.61 -20.26 10.11
C25 OHT C . 5.50 -21.20 9.43
C26 OHT C . 5.32 -19.52 11.15
C21 OHT C . 0.44 -17.78 8.67
C22 OHT C . -0.76 -17.18 8.43
C10 OHT D . 12.86 8.15 7.94
C9 OHT D . 13.39 9.15 8.94
C8 OHT D . 12.56 9.27 10.19
C11 OHT D . 12.44 8.04 11.00
C16 OHT D . 11.21 7.52 11.34
C15 OHT D . 11.10 6.39 12.12
C14 OHT D . 12.22 5.77 12.59
C13 OHT D . 13.46 6.27 12.28
C12 OHT D . 13.57 7.40 11.49
C7 OHT D . 11.98 10.43 10.56
C1 OHT D . 11.71 11.57 9.65
C2 OHT D . 11.81 12.88 10.09
C3 OHT D . 11.50 13.94 9.26
C4 OHT D . 11.05 13.69 7.98
O4 OHT D . 10.74 14.70 7.12
C5 OHT D . 10.94 12.39 7.54
C6 OHT D . 11.25 11.35 8.37
C17 OHT D . 11.39 10.64 11.91
C18 OHT D . 12.16 10.61 13.07
C19 OHT D . 11.59 10.83 14.30
C20 OHT D . 10.23 11.07 14.40
O20 OHT D . 9.62 11.31 15.59
C23 OHT D . 8.54 12.22 15.54
C24 OHT D . 7.48 11.70 16.47
N24 OHT D . 8.11 11.75 17.75
C25 OHT D . 7.33 12.61 18.65
C26 OHT D . 8.19 10.40 18.31
C21 OHT D . 9.45 11.12 13.28
C22 OHT D . 10.03 10.91 12.04
#